data_3O5Y
#
_entry.id   3O5Y
#
_cell.length_a   96.961
_cell.length_b   96.961
_cell.length_c   104.695
_cell.angle_alpha   90.000
_cell.angle_beta   90.000
_cell.angle_gamma   90.000
#
_symmetry.space_group_name_H-M   'P 41 2 2'
#
loop_
_entity.id
_entity.type
_entity.pdbx_description
1 polymer 'Sensor protein'
2 non-polymer 'ACETATE ION'
3 water water
#
_entity_poly.entity_id   1
_entity_poly.type   'polypeptide(L)'
_entity_poly.pdbx_seq_one_letter_code
;SNA(MSE)SLDDIINN(MSE)IDKLKLLVHFDRISFLLLANETLKLSHVYPKGSHSLDIGSTIPKEQSLYWSALDQRQTI
FRSLTDTQDNFYEKQYLAILDLKSILVIPIYSKNKRVGVLSIGRKQQIDWSLDDLAFLEQLTDHLAVSIENVELYGQVLR
SKQEWEDTFKAVD
;
_entity_poly.pdbx_strand_id   A,B
#
# COMPACT_ATOMS: atom_id res chain seq x y z
N SER A 5 11.40 -25.16 7.11
CA SER A 5 10.77 -23.86 7.23
C SER A 5 10.33 -23.32 5.86
N LEU A 6 9.55 -22.24 5.87
CA LEU A 6 9.14 -21.55 4.67
C LEU A 6 10.36 -20.97 3.99
N ASP A 7 11.29 -20.46 4.78
CA ASP A 7 12.60 -20.01 4.33
C ASP A 7 13.29 -21.06 3.45
N ASP A 8 13.34 -22.30 3.96
CA ASP A 8 14.07 -23.37 3.31
C ASP A 8 13.39 -23.77 1.99
N ILE A 9 12.06 -23.77 1.99
CA ILE A 9 11.27 -24.07 0.78
C ILE A 9 11.58 -23.08 -0.37
N ILE A 10 11.56 -21.79 -0.05
CA ILE A 10 11.83 -20.75 -1.01
C ILE A 10 13.28 -20.78 -1.46
N ASN A 11 14.20 -20.82 -0.50
CA ASN A 11 15.64 -20.81 -0.82
C ASN A 11 16.06 -21.97 -1.69
N ASN A 12 15.42 -23.12 -1.46
CA ASN A 12 15.69 -24.32 -2.20
C ASN A 12 15.20 -24.15 -3.62
N ILE A 14 14.91 -21.26 -5.13
CA ILE A 14 15.84 -20.32 -5.71
C ILE A 14 17.13 -21.03 -6.17
N ASP A 15 17.62 -21.96 -5.36
CA ASP A 15 18.81 -22.74 -5.72
C ASP A 15 18.63 -23.54 -7.00
N LYS A 16 17.43 -24.02 -7.26
CA LYS A 16 17.22 -24.77 -8.49
C LYS A 16 17.16 -23.82 -9.68
N LEU A 17 16.51 -22.68 -9.49
CA LEU A 17 16.33 -21.72 -10.57
C LEU A 17 17.66 -21.18 -11.07
N LYS A 18 18.57 -20.90 -10.15
CA LYS A 18 19.92 -20.53 -10.51
C LYS A 18 20.55 -21.40 -11.61
N LEU A 19 20.20 -22.69 -11.62
CA LEU A 19 20.85 -23.66 -12.49
C LEU A 19 20.08 -23.97 -13.73
N LEU A 20 18.83 -23.51 -13.79
CA LEU A 20 17.90 -23.95 -14.81
C LEU A 20 17.34 -22.83 -15.69
N VAL A 21 17.30 -21.62 -15.13
CA VAL A 21 16.56 -20.53 -15.74
C VAL A 21 17.35 -19.25 -15.60
N HIS A 22 17.52 -18.54 -16.71
CA HIS A 22 18.20 -17.24 -16.71
C HIS A 22 17.39 -16.15 -15.99
N PHE A 23 17.97 -15.54 -14.96
CA PHE A 23 17.32 -14.44 -14.26
C PHE A 23 18.36 -13.77 -13.38
N ASP A 24 18.07 -12.54 -12.96
CA ASP A 24 19.01 -11.79 -12.16
C ASP A 24 18.47 -11.56 -10.76
N ARG A 25 17.15 -11.48 -10.61
CA ARG A 25 16.57 -11.11 -9.32
C ARG A 25 15.25 -11.81 -9.16
N ILE A 26 14.98 -12.32 -7.97
CA ILE A 26 13.69 -12.94 -7.69
C ILE A 26 13.21 -12.41 -6.36
N SER A 27 11.92 -12.19 -6.25
CA SER A 27 11.34 -11.95 -4.95
C SER A 27 10.13 -12.83 -4.80
N PHE A 28 9.84 -13.21 -3.57
CA PHE A 28 8.67 -13.99 -3.31
C PHE A 28 7.81 -13.23 -2.32
N LEU A 29 6.51 -13.21 -2.58
CA LEU A 29 5.59 -12.50 -1.73
C LEU A 29 4.52 -13.42 -1.22
N LEU A 30 4.12 -13.22 0.02
CA LEU A 30 3.25 -14.14 0.71
C LEU A 30 1.93 -13.45 0.98
N LEU A 31 0.85 -14.11 0.64
CA LEU A 31 -0.47 -13.64 0.98
C LEU A 31 -0.91 -14.33 2.26
N ALA A 32 -1.07 -13.56 3.33
CA ALA A 32 -1.79 -13.99 4.53
C ALA A 32 -2.80 -12.89 4.92
N ASN A 33 -3.99 -13.30 5.34
CA ASN A 33 -5.05 -12.38 5.79
C ASN A 33 -5.44 -11.31 4.76
N GLU A 34 -5.49 -11.71 3.49
CA GLU A 34 -5.82 -10.82 2.37
C GLU A 34 -4.83 -9.65 2.26
N THR A 35 -3.62 -9.87 2.78
CA THR A 35 -2.54 -8.90 2.78
C THR A 35 -1.30 -9.55 2.14
N LEU A 36 -0.73 -8.88 1.14
CA LEU A 36 0.41 -9.40 0.40
C LEU A 36 1.66 -8.73 0.92
N LYS A 37 2.63 -9.52 1.36
CA LYS A 37 3.85 -8.98 1.92
C LYS A 37 5.10 -9.53 1.23
N LEU A 38 6.06 -8.65 0.95
CA LEU A 38 7.39 -9.10 0.51
C LEU A 38 7.97 -10.01 1.57
N SER A 39 8.39 -11.21 1.20
CA SER A 39 8.93 -12.08 2.24
C SER A 39 10.31 -12.64 1.98
N HIS A 40 10.68 -12.79 0.71
CA HIS A 40 12.01 -13.31 0.34
C HIS A 40 12.53 -12.63 -0.90
N VAL A 41 13.83 -12.33 -0.89
CA VAL A 41 14.49 -11.73 -2.03
C VAL A 41 15.83 -12.44 -2.30
N TYR A 42 16.13 -12.68 -3.57
CA TYR A 42 17.45 -13.10 -3.99
C TYR A 42 17.88 -12.25 -5.17
N PRO A 43 19.12 -11.73 -5.18
CA PRO A 43 20.20 -11.84 -4.17
C PRO A 43 19.81 -11.16 -2.86
N LYS A 44 20.37 -11.61 -1.73
CA LYS A 44 19.93 -11.22 -0.39
C LYS A 44 19.83 -9.71 -0.18
N GLY A 45 20.77 -8.97 -0.74
CA GLY A 45 20.83 -7.53 -0.54
C GLY A 45 19.78 -6.70 -1.27
N SER A 46 19.23 -7.26 -2.35
CA SER A 46 18.59 -6.46 -3.41
C SER A 46 17.07 -6.29 -3.31
N HIS A 47 16.68 -5.35 -2.45
CA HIS A 47 15.31 -4.86 -2.38
C HIS A 47 15.36 -3.39 -2.02
N SER A 48 14.41 -2.61 -2.54
CA SER A 48 14.23 -1.25 -2.08
C SER A 48 13.23 -1.21 -0.93
N LEU A 49 12.23 -2.10 -1.00
CA LEU A 49 11.24 -2.27 0.07
C LEU A 49 11.78 -3.21 1.13
N ASP A 50 11.56 -2.87 2.39
CA ASP A 50 11.93 -3.74 3.49
C ASP A 50 11.22 -5.07 3.34
N ILE A 51 11.86 -6.15 3.80
CA ILE A 51 11.18 -7.43 3.98
C ILE A 51 10.02 -7.13 4.90
N GLY A 52 8.85 -7.69 4.60
CA GLY A 52 7.67 -7.45 5.40
C GLY A 52 6.78 -6.31 4.88
N SER A 53 7.23 -5.56 3.88
CA SER A 53 6.39 -4.49 3.31
C SER A 53 5.07 -5.03 2.76
N THR A 54 4.01 -4.25 2.92
CA THR A 54 2.71 -4.57 2.35
C THR A 54 2.59 -3.96 0.97
N ILE A 55 2.13 -4.76 0.01
CA ILE A 55 1.86 -4.28 -1.33
C ILE A 55 0.37 -3.91 -1.41
N PRO A 56 0.08 -2.62 -1.64
CA PRO A 56 -1.30 -2.15 -1.79
C PRO A 56 -1.86 -2.64 -3.11
N LYS A 57 -3.18 -2.77 -3.17
CA LYS A 57 -3.85 -3.24 -4.36
C LYS A 57 -3.85 -2.22 -5.49
N GLU A 58 -4.04 -0.94 -5.16
CA GLU A 58 -4.19 0.07 -6.20
C GLU A 58 -2.94 0.14 -7.11
N GLN A 59 -3.17 0.04 -8.41
CA GLN A 59 -2.12 0.14 -9.42
C GLN A 59 -1.05 -0.93 -9.26
N SER A 60 -1.39 -2.04 -8.62
CA SER A 60 -0.38 -3.07 -8.32
C SER A 60 -0.30 -4.19 -9.38
N LEU A 61 0.88 -4.36 -9.96
CA LEU A 61 1.09 -5.41 -10.97
C LEU A 61 0.93 -6.78 -10.29
N TYR A 62 1.50 -6.94 -9.12
CA TYR A 62 1.42 -8.21 -8.39
C TYR A 62 -0.03 -8.61 -8.05
N TRP A 63 -0.84 -7.66 -7.57
CA TRP A 63 -2.25 -7.95 -7.31
C TRP A 63 -3.04 -8.22 -8.58
N SER A 64 -2.61 -7.60 -9.67
CA SER A 64 -3.26 -7.81 -10.94
C SER A 64 -3.10 -9.26 -11.40
N ALA A 65 -1.92 -9.83 -11.17
CA ALA A 65 -1.64 -11.23 -11.49
C ALA A 65 -2.49 -12.16 -10.61
N LEU A 66 -2.58 -11.83 -9.32
CA LEU A 66 -3.38 -12.58 -8.39
C LEU A 66 -4.87 -12.49 -8.72
N ASP A 67 -5.37 -11.30 -9.04
CA ASP A 67 -6.79 -11.14 -9.34
C ASP A 67 -7.18 -11.85 -10.63
N GLN A 68 -6.33 -11.72 -11.66
CA GLN A 68 -6.58 -12.31 -12.98
C GLN A 68 -6.30 -13.82 -13.00
N ARG A 69 -5.58 -14.31 -11.99
CA ARG A 69 -5.13 -15.69 -11.98
C ARG A 69 -4.30 -16.04 -13.22
N GLN A 70 -3.47 -15.08 -13.63
CA GLN A 70 -2.70 -15.20 -14.86
C GLN A 70 -1.26 -14.74 -14.66
N THR A 71 -0.33 -15.35 -15.40
CA THR A 71 1.04 -14.90 -15.42
C THR A 71 1.13 -13.61 -16.25
N ILE A 72 1.75 -12.59 -15.69
CA ILE A 72 1.89 -11.32 -16.38
C ILE A 72 3.34 -11.01 -16.68
N PHE A 73 3.60 -10.61 -17.92
CA PHE A 73 4.90 -10.11 -18.27
C PHE A 73 4.85 -8.61 -18.55
N ARG A 74 5.83 -7.88 -18.01
CA ARG A 74 5.91 -6.46 -18.26
C ARG A 74 7.33 -6.00 -18.47
N SER A 75 7.51 -5.33 -19.60
CA SER A 75 8.71 -4.58 -19.89
C SER A 75 8.75 -3.34 -18.97
N LEU A 76 9.91 -3.05 -18.39
CA LEU A 76 10.02 -1.94 -17.45
C LEU A 76 10.48 -0.65 -18.16
N THR A 77 10.56 -0.69 -19.48
CA THR A 77 11.10 0.41 -20.24
C THR A 77 10.00 1.25 -20.90
N ASP A 78 8.76 0.76 -20.85
CA ASP A 78 7.63 1.52 -21.35
C ASP A 78 7.37 2.70 -20.43
N THR A 79 7.85 3.85 -20.88
CA THR A 79 7.73 5.12 -20.18
C THR A 79 6.27 5.50 -19.87
N GLN A 80 5.33 4.96 -20.65
CA GLN A 80 3.90 5.24 -20.50
C GLN A 80 3.12 4.20 -19.66
N ASP A 81 3.85 3.33 -18.97
CA ASP A 81 3.25 2.28 -18.15
C ASP A 81 3.85 2.34 -16.74
N ASN A 82 3.06 2.83 -15.79
CA ASN A 82 3.46 2.84 -14.39
C ASN A 82 2.60 1.86 -13.58
N PHE A 83 3.18 1.35 -12.50
CA PHE A 83 2.48 0.51 -11.55
C PHE A 83 3.21 0.63 -10.23
N TYR A 84 2.57 0.21 -9.14
CA TYR A 84 3.10 0.47 -7.82
C TYR A 84 4.52 -0.09 -7.68
N GLU A 85 4.75 -1.29 -8.20
CA GLU A 85 6.04 -1.95 -7.98
C GLU A 85 7.18 -1.40 -8.82
N LYS A 86 6.84 -0.65 -9.86
CA LYS A 86 7.80 -0.29 -10.90
C LYS A 86 9.05 0.42 -10.40
N GLN A 87 8.89 1.54 -9.69
CA GLN A 87 10.05 2.30 -9.22
C GLN A 87 10.96 1.44 -8.34
N TYR A 88 10.38 0.44 -7.69
CA TYR A 88 11.12 -0.38 -6.72
C TYR A 88 11.86 -1.48 -7.43
N LEU A 89 11.42 -1.82 -8.63
CA LEU A 89 12.10 -2.75 -9.49
C LEU A 89 13.12 -2.05 -10.37
N ALA A 90 12.76 -0.93 -10.98
CA ALA A 90 13.67 -0.21 -11.89
C ALA A 90 14.97 0.16 -11.20
N ILE A 91 14.87 0.47 -9.90
CA ILE A 91 15.99 0.96 -9.13
C ILE A 91 17.03 -0.12 -8.93
N LEU A 92 16.63 -1.37 -9.14
CA LEU A 92 17.51 -2.53 -9.03
C LEU A 92 18.13 -2.88 -10.39
N ASP A 93 18.05 -1.93 -11.33
CA ASP A 93 18.49 -2.09 -12.73
C ASP A 93 17.75 -3.16 -13.54
N LEU A 94 16.53 -3.50 -13.16
CA LEU A 94 15.80 -4.51 -13.90
C LEU A 94 15.10 -3.85 -15.07
N LYS A 95 14.99 -4.57 -16.18
CA LYS A 95 14.37 -4.01 -17.38
C LYS A 95 13.10 -4.76 -17.78
N SER A 96 12.80 -5.82 -17.02
CA SER A 96 11.81 -6.80 -17.41
C SER A 96 11.34 -7.52 -16.16
N ILE A 97 10.04 -7.75 -16.02
CA ILE A 97 9.53 -8.48 -14.87
C ILE A 97 8.50 -9.54 -15.30
N LEU A 98 8.66 -10.75 -14.78
CA LEU A 98 7.69 -11.84 -14.95
C LEU A 98 7.07 -12.11 -13.58
N VAL A 99 5.75 -12.05 -13.51
CA VAL A 99 5.02 -12.09 -12.27
C VAL A 99 4.12 -13.34 -12.32
N ILE A 100 4.46 -14.32 -11.52
CA ILE A 100 3.68 -15.54 -11.47
C ILE A 100 2.91 -15.57 -10.17
N PRO A 101 1.56 -15.52 -10.25
CA PRO A 101 0.76 -15.65 -9.04
C PRO A 101 0.83 -17.10 -8.55
N ILE A 102 1.03 -17.30 -7.25
CA ILE A 102 1.13 -18.65 -6.71
C ILE A 102 -0.20 -19.02 -6.09
N TYR A 103 -0.88 -20.00 -6.66
CA TYR A 103 -2.10 -20.50 -6.04
C TYR A 103 -2.25 -22.01 -5.99
N SER A 104 -2.93 -22.48 -4.96
CA SER A 104 -3.22 -23.89 -4.80
C SER A 104 -4.66 -24.15 -5.21
N LYS A 105 -5.10 -25.40 -5.07
CA LYS A 105 -6.47 -25.77 -5.39
C LYS A 105 -7.48 -25.04 -4.49
N ASN A 106 -7.04 -24.63 -3.30
CA ASN A 106 -7.91 -23.98 -2.32
C ASN A 106 -7.87 -22.47 -2.33
N LYS A 107 -6.66 -21.90 -2.40
CA LYS A 107 -6.48 -20.45 -2.20
C LYS A 107 -5.29 -19.85 -2.96
N ARG A 108 -5.27 -18.53 -3.03
CA ARG A 108 -4.09 -17.80 -3.46
C ARG A 108 -3.11 -17.84 -2.33
N VAL A 109 -1.84 -18.01 -2.68
CA VAL A 109 -0.78 -18.25 -1.72
C VAL A 109 0.22 -17.11 -1.73
N GLY A 110 0.49 -16.56 -2.90
CA GLY A 110 1.50 -15.50 -2.99
C GLY A 110 1.84 -15.14 -4.42
N VAL A 111 3.00 -14.52 -4.60
CA VAL A 111 3.44 -14.09 -5.91
C VAL A 111 4.92 -14.38 -6.05
N LEU A 112 5.32 -14.84 -7.25
CA LEU A 112 6.73 -14.93 -7.61
C LEU A 112 7.05 -13.88 -8.68
N SER A 113 8.06 -13.08 -8.43
CA SER A 113 8.44 -11.98 -9.29
C SER A 113 9.84 -12.22 -9.82
N ILE A 114 9.98 -12.39 -11.14
CA ILE A 114 11.30 -12.74 -11.67
C ILE A 114 11.78 -11.65 -12.62
N GLY A 115 12.94 -11.08 -12.30
CA GLY A 115 13.45 -9.93 -12.99
C GLY A 115 14.65 -10.27 -13.84
N ARG A 116 14.78 -9.57 -14.96
CA ARG A 116 16.01 -9.64 -15.76
C ARG A 116 16.53 -8.25 -16.00
N LYS A 117 17.85 -8.11 -15.94
CA LYS A 117 18.52 -6.82 -16.22
C LYS A 117 18.56 -6.54 -17.71
N GLN A 118 18.67 -7.57 -18.52
CA GLN A 118 18.66 -7.42 -19.97
C GLN A 118 17.30 -7.87 -20.49
N GLN A 119 16.80 -7.19 -21.50
CA GLN A 119 15.47 -7.49 -22.00
C GLN A 119 15.51 -8.64 -23.00
N ILE A 120 15.55 -9.85 -22.45
CA ILE A 120 15.62 -11.07 -23.23
C ILE A 120 14.29 -11.80 -23.05
N ASP A 121 13.63 -12.13 -24.15
CA ASP A 121 12.33 -12.79 -24.08
C ASP A 121 12.35 -14.07 -23.26
N TRP A 122 11.22 -14.33 -22.61
CA TRP A 122 10.99 -15.58 -21.95
C TRP A 122 10.58 -16.61 -22.98
N SER A 123 11.27 -17.75 -23.05
CA SER A 123 10.85 -18.81 -23.96
C SER A 123 9.66 -19.58 -23.38
N LEU A 124 8.99 -20.35 -24.25
CA LEU A 124 7.85 -21.19 -23.86
C LEU A 124 8.31 -22.27 -22.90
N ASP A 125 9.46 -22.88 -23.19
CA ASP A 125 10.03 -23.91 -22.34
C ASP A 125 10.26 -23.40 -20.90
N ASP A 126 10.81 -22.21 -20.76
CA ASP A 126 11.06 -21.68 -19.44
C ASP A 126 9.75 -21.37 -18.74
N LEU A 127 8.79 -20.79 -19.46
CA LEU A 127 7.50 -20.45 -18.85
C LEU A 127 6.72 -21.70 -18.43
N ALA A 128 6.73 -22.73 -19.26
CA ALA A 128 6.06 -24.01 -18.90
C ALA A 128 6.73 -24.62 -17.68
N PHE A 129 8.05 -24.61 -17.67
CA PHE A 129 8.81 -25.15 -16.55
C PHE A 129 8.51 -24.39 -15.25
N LEU A 130 8.60 -23.06 -15.28
CA LEU A 130 8.27 -22.24 -14.10
C LEU A 130 6.87 -22.46 -13.55
N GLU A 131 5.89 -22.58 -14.44
CA GLU A 131 4.49 -22.71 -14.03
C GLU A 131 4.27 -24.03 -13.26
N GLN A 132 4.89 -25.10 -13.76
CA GLN A 132 4.78 -26.39 -13.15
C GLN A 132 5.49 -26.34 -11.80
N LEU A 133 6.68 -25.75 -11.78
CA LEU A 133 7.47 -25.63 -10.56
C LEU A 133 6.75 -24.79 -9.50
N THR A 134 6.10 -23.69 -9.89
CA THR A 134 5.39 -22.84 -8.94
C THR A 134 4.05 -23.43 -8.51
N ASP A 135 3.43 -24.23 -9.38
CA ASP A 135 2.23 -24.97 -8.96
C ASP A 135 2.53 -25.99 -7.84
N HIS A 136 3.68 -26.67 -7.89
CA HIS A 136 4.07 -27.55 -6.79
C HIS A 136 4.44 -26.72 -5.57
N LEU A 137 4.98 -25.54 -5.80
CA LEU A 137 5.43 -24.68 -4.72
C LEU A 137 4.23 -24.27 -3.87
N ALA A 138 3.10 -23.99 -4.51
CA ALA A 138 1.89 -23.59 -3.83
C ALA A 138 1.37 -24.69 -2.90
N VAL A 139 1.46 -25.95 -3.34
CA VAL A 139 1.06 -27.08 -2.51
C VAL A 139 1.96 -27.18 -1.27
N SER A 140 3.27 -27.10 -1.50
CA SER A 140 4.29 -27.21 -0.47
C SER A 140 4.15 -26.12 0.58
N ILE A 141 3.85 -24.90 0.15
CA ILE A 141 3.70 -23.78 1.08
C ILE A 141 2.45 -23.95 1.91
N GLU A 142 1.37 -24.38 1.25
CA GLU A 142 0.09 -24.56 1.90
C GLU A 142 0.19 -25.63 2.98
N ASN A 143 0.98 -26.67 2.69
CA ASN A 143 1.16 -27.80 3.61
C ASN A 143 2.16 -27.53 4.74
N VAL A 144 2.66 -26.31 4.83
CA VAL A 144 3.41 -25.88 6.00
C VAL A 144 2.44 -25.39 7.07
N GLU A 145 1.45 -24.59 6.66
CA GLU A 145 0.45 -24.02 7.57
C GLU A 145 -0.90 -24.76 7.53
N ALA B 3 -26.38 2.60 18.03
CA ALA B 3 -25.81 2.77 19.40
C ALA B 3 -24.55 3.64 19.44
N SER B 5 -21.63 4.37 17.10
CA SER B 5 -21.19 4.12 15.75
C SER B 5 -20.01 5.02 15.35
N LEU B 6 -18.93 4.38 14.89
CA LEU B 6 -17.82 5.08 14.27
C LEU B 6 -18.34 6.03 13.18
N ASP B 7 -19.27 5.56 12.35
CA ASP B 7 -19.94 6.40 11.36
C ASP B 7 -20.56 7.65 11.99
N ASP B 8 -21.27 7.46 13.08
CA ASP B 8 -21.93 8.57 13.79
C ASP B 8 -20.94 9.65 14.19
N ILE B 9 -19.82 9.22 14.77
CA ILE B 9 -18.85 10.13 15.36
C ILE B 9 -18.08 10.87 14.29
N ILE B 10 -17.65 10.15 13.25
CA ILE B 10 -16.99 10.79 12.11
C ILE B 10 -17.92 11.76 11.35
N ASN B 11 -19.12 11.30 11.00
CA ASN B 11 -20.10 12.15 10.32
C ASN B 11 -20.47 13.38 11.15
N ASN B 12 -20.62 13.22 12.47
CA ASN B 12 -20.98 14.36 13.31
C ASN B 12 -19.81 15.34 13.32
N ILE B 14 -17.55 15.68 10.96
CA ILE B 14 -17.54 16.29 9.62
C ILE B 14 -18.64 17.36 9.41
N ASP B 15 -19.85 17.05 9.86
CA ASP B 15 -20.98 17.99 9.80
C ASP B 15 -20.69 19.32 10.48
N LYS B 16 -19.87 19.28 11.52
CA LYS B 16 -19.47 20.50 12.23
C LYS B 16 -18.40 21.22 11.47
N LEU B 17 -17.40 20.45 11.04
CA LEU B 17 -16.31 20.95 10.20
C LEU B 17 -16.79 21.70 8.96
N LYS B 18 -17.77 21.14 8.28
CA LYS B 18 -18.38 21.75 7.09
C LYS B 18 -18.80 23.18 7.33
N LEU B 19 -19.27 23.47 8.55
CA LEU B 19 -19.77 24.79 8.96
C LEU B 19 -18.72 25.71 9.59
N LEU B 20 -17.52 25.18 9.87
CA LEU B 20 -16.47 25.97 10.55
C LEU B 20 -15.27 26.32 9.70
N VAL B 21 -14.86 25.40 8.82
CA VAL B 21 -13.53 25.41 8.24
C VAL B 21 -13.59 25.00 6.78
N HIS B 22 -12.98 25.81 5.91
CA HIS B 22 -13.01 25.53 4.47
C HIS B 22 -12.12 24.34 4.12
N PHE B 23 -12.68 23.41 3.37
CA PHE B 23 -11.97 22.22 2.92
C PHE B 23 -12.77 21.64 1.75
N ASP B 24 -12.13 20.79 0.96
CA ASP B 24 -12.79 20.24 -0.24
C ASP B 24 -12.99 18.74 -0.11
N ARG B 25 -12.07 18.10 0.58
CA ARG B 25 -12.17 16.68 0.79
C ARG B 25 -11.60 16.29 2.14
N ILE B 26 -12.22 15.31 2.77
CA ILE B 26 -11.70 14.79 4.02
C ILE B 26 -11.71 13.29 3.97
N SER B 27 -10.63 12.66 4.39
CA SER B 27 -10.68 11.24 4.57
C SER B 27 -10.25 10.90 5.97
N PHE B 28 -10.76 9.80 6.49
CA PHE B 28 -10.32 9.37 7.78
C PHE B 28 -9.82 7.95 7.63
N LEU B 29 -8.65 7.69 8.21
CA LEU B 29 -7.99 6.40 8.10
C LEU B 29 -7.75 5.80 9.47
N LEU B 30 -7.87 4.48 9.57
CA LEU B 30 -7.96 3.83 10.86
C LEU B 30 -6.74 2.96 11.09
N LEU B 31 -6.12 3.12 12.25
CA LEU B 31 -5.01 2.27 12.62
C LEU B 31 -5.55 1.08 13.45
N ALA B 32 -5.46 -0.12 12.88
CA ALA B 32 -5.70 -1.34 13.64
C ALA B 32 -4.70 -2.41 13.21
N ASN B 33 -4.05 -3.00 14.21
CA ASN B 33 -3.07 -4.08 14.04
C ASN B 33 -1.84 -3.66 13.21
N GLU B 34 -1.32 -2.48 13.54
CA GLU B 34 -0.16 -1.87 12.84
C GLU B 34 -0.39 -1.68 11.33
N THR B 35 -1.65 -1.42 10.95
CA THR B 35 -2.08 -1.30 9.55
C THR B 35 -3.01 -0.11 9.41
N LEU B 36 -2.75 0.74 8.43
CA LEU B 36 -3.54 1.96 8.20
C LEU B 36 -4.49 1.75 7.03
N LYS B 37 -5.79 1.84 7.28
CA LYS B 37 -6.81 1.62 6.23
C LYS B 37 -7.74 2.80 6.04
N LEU B 38 -8.08 3.09 4.80
CA LEU B 38 -9.04 4.13 4.50
C LEU B 38 -10.40 3.69 5.02
N SER B 39 -11.04 4.54 5.80
CA SER B 39 -12.34 4.15 6.36
C SER B 39 -13.50 5.08 5.99
N HIS B 40 -13.25 6.38 5.94
CA HIS B 40 -14.30 7.35 5.61
C HIS B 40 -13.78 8.42 4.67
N VAL B 41 -14.59 8.80 3.69
CA VAL B 41 -14.30 9.97 2.86
C VAL B 41 -15.55 10.85 2.68
N TYR B 42 -15.33 12.16 2.67
CA TYR B 42 -16.36 13.11 2.39
C TYR B 42 -15.78 14.02 1.33
N PRO B 43 -16.54 14.32 0.26
CA PRO B 43 -17.91 13.88 -0.01
C PRO B 43 -17.94 12.40 -0.37
N LYS B 44 -19.09 11.75 -0.17
CA LYS B 44 -19.28 10.33 -0.53
C LYS B 44 -18.63 9.95 -1.88
N GLY B 45 -18.71 10.83 -2.87
CA GLY B 45 -18.15 10.60 -4.19
C GLY B 45 -16.64 10.42 -4.24
N SER B 46 -15.89 11.50 -3.99
CA SER B 46 -14.48 11.59 -4.39
C SER B 46 -13.49 10.65 -3.68
N HIS B 47 -13.09 9.57 -4.37
CA HIS B 47 -11.96 8.72 -3.96
C HIS B 47 -11.44 7.85 -5.08
N SER B 48 -10.12 7.86 -5.25
CA SER B 48 -9.46 6.97 -6.20
C SER B 48 -9.02 5.72 -5.46
N LEU B 49 -8.96 5.81 -4.13
CA LEU B 49 -8.70 4.64 -3.32
C LEU B 49 -10.00 4.08 -2.78
N ASP B 50 -10.05 2.76 -2.68
CA ASP B 50 -11.22 2.05 -2.18
C ASP B 50 -11.25 2.10 -0.67
N ILE B 51 -12.45 2.24 -0.11
CA ILE B 51 -12.64 2.10 1.32
C ILE B 51 -12.07 0.75 1.67
N GLY B 52 -11.26 0.70 2.72
CA GLY B 52 -10.58 -0.54 3.10
C GLY B 52 -9.16 -0.70 2.56
N SER B 53 -8.74 0.15 1.62
CA SER B 53 -7.35 0.12 1.10
C SER B 53 -6.33 0.33 2.20
N THR B 54 -5.23 -0.41 2.13
CA THR B 54 -4.12 -0.23 3.07
C THR B 54 -3.13 0.80 2.53
N ILE B 55 -2.60 1.63 3.42
CA ILE B 55 -1.56 2.59 3.08
C ILE B 55 -0.23 1.95 3.48
N PRO B 56 0.66 1.68 2.51
CA PRO B 56 1.94 1.11 2.85
C PRO B 56 2.82 2.15 3.53
N LYS B 57 3.79 1.70 4.30
CA LYS B 57 4.67 2.60 5.03
C LYS B 57 5.68 3.33 4.14
N GLU B 58 6.13 2.66 3.07
CA GLU B 58 7.17 3.27 2.24
C GLU B 58 6.70 4.56 1.55
N GLN B 59 7.41 5.64 1.83
CA GLN B 59 7.22 6.96 1.20
C GLN B 59 5.87 7.55 1.55
N SER B 60 5.32 7.12 2.69
CA SER B 60 3.97 7.49 3.09
C SER B 60 3.93 8.70 4.03
N LEU B 61 3.23 9.74 3.60
CA LEU B 61 3.04 10.95 4.40
C LEU B 61 2.15 10.67 5.62
N TYR B 62 1.10 9.90 5.41
CA TYR B 62 0.20 9.55 6.48
C TYR B 62 0.97 8.86 7.63
N TRP B 63 1.75 7.83 7.32
CA TRP B 63 2.56 7.15 8.34
C TRP B 63 3.63 8.06 8.95
N SER B 64 4.22 8.93 8.12
CA SER B 64 5.16 9.91 8.61
C SER B 64 4.52 10.76 9.71
N ALA B 65 3.28 11.18 9.51
CA ALA B 65 2.55 11.92 10.55
C ALA B 65 2.29 11.06 11.80
N LEU B 66 2.01 9.78 11.60
CA LEU B 66 1.71 8.89 12.73
C LEU B 66 2.93 8.66 13.61
N ASP B 67 4.06 8.34 12.97
CA ASP B 67 5.30 8.04 13.66
C ASP B 67 5.80 9.25 14.46
N GLN B 68 5.61 10.45 13.91
CA GLN B 68 6.08 11.67 14.56
C GLN B 68 5.08 12.17 15.57
N ARG B 69 3.86 11.62 15.53
CA ARG B 69 2.74 12.13 16.31
C ARG B 69 2.59 13.64 16.11
N GLN B 70 2.78 14.10 14.87
CA GLN B 70 2.73 15.52 14.53
C GLN B 70 1.90 15.80 13.28
N THR B 71 1.07 16.83 13.36
CA THR B 71 0.33 17.35 12.21
C THR B 71 1.30 17.79 11.09
N ILE B 72 1.08 17.29 9.87
CA ILE B 72 1.92 17.70 8.75
C ILE B 72 1.11 18.38 7.65
N PHE B 73 1.57 19.53 7.18
CA PHE B 73 0.96 20.15 6.03
C PHE B 73 1.88 20.00 4.82
N ARG B 74 1.30 19.69 3.67
CA ARG B 74 2.09 19.56 2.46
C ARG B 74 1.34 20.09 1.23
N SER B 75 2.05 20.80 0.36
CA SER B 75 1.53 21.13 -0.96
C SER B 75 1.51 19.88 -1.83
N LEU B 76 0.59 19.83 -2.79
CA LEU B 76 0.47 18.72 -3.72
C LEU B 76 1.03 19.05 -5.13
N THR B 77 1.65 20.23 -5.25
CA THR B 77 2.06 20.78 -6.55
C THR B 77 3.57 21.04 -6.63
N ASP B 78 4.28 20.62 -5.59
CA ASP B 78 5.74 20.67 -5.59
C ASP B 78 6.25 19.41 -6.28
N THR B 79 6.72 19.57 -7.52
CA THR B 79 7.12 18.43 -8.36
C THR B 79 8.35 17.70 -7.84
N GLN B 80 9.08 18.35 -6.94
CA GLN B 80 10.28 17.76 -6.34
C GLN B 80 9.95 17.12 -4.99
N ASP B 81 8.65 16.93 -4.72
CA ASP B 81 8.20 16.30 -3.50
C ASP B 81 7.13 15.25 -3.79
N ASN B 82 7.54 13.99 -3.85
CA ASN B 82 6.60 12.90 -4.02
C ASN B 82 6.44 12.03 -2.75
N PHE B 83 5.23 11.52 -2.54
CA PHE B 83 4.96 10.55 -1.49
C PHE B 83 3.82 9.66 -1.96
N TYR B 84 3.60 8.56 -1.25
CA TYR B 84 2.67 7.56 -1.71
C TYR B 84 1.29 8.13 -2.04
N GLU B 85 0.72 8.91 -1.12
CA GLU B 85 -0.64 9.46 -1.21
C GLU B 85 -0.88 10.50 -2.31
N LYS B 86 0.20 11.17 -2.74
CA LYS B 86 0.09 12.39 -3.55
C LYS B 86 -0.76 12.24 -4.81
N GLN B 87 -0.42 11.27 -5.67
CA GLN B 87 -1.14 11.12 -6.93
C GLN B 87 -2.62 10.86 -6.71
N TYR B 88 -2.97 10.28 -5.56
CA TYR B 88 -4.38 9.95 -5.27
C TYR B 88 -5.16 11.14 -4.73
N LEU B 89 -4.44 12.09 -4.18
CA LEU B 89 -5.01 13.37 -3.78
C LEU B 89 -5.03 14.36 -4.95
N ALA B 90 -3.96 14.39 -5.75
CA ALA B 90 -3.88 15.34 -6.92
C ALA B 90 -4.92 15.10 -8.01
N ILE B 91 -5.25 13.84 -8.24
CA ILE B 91 -6.26 13.50 -9.22
C ILE B 91 -7.63 14.04 -8.80
N LEU B 92 -7.75 14.45 -7.54
CA LEU B 92 -9.03 15.03 -7.08
C LEU B 92 -8.98 16.56 -7.10
N ASP B 93 -7.95 17.10 -7.75
CA ASP B 93 -7.75 18.54 -7.96
C ASP B 93 -7.38 19.30 -6.67
N LEU B 94 -6.90 18.55 -5.68
CA LEU B 94 -6.41 19.11 -4.45
C LEU B 94 -4.98 19.63 -4.64
N LYS B 95 -4.69 20.81 -4.11
CA LYS B 95 -3.37 21.37 -4.26
C LYS B 95 -2.63 21.34 -2.93
N SER B 96 -3.38 21.09 -1.86
CA SER B 96 -2.82 21.08 -0.51
C SER B 96 -3.41 19.96 0.35
N ILE B 97 -2.64 19.49 1.32
CA ILE B 97 -3.10 18.44 2.21
C ILE B 97 -2.60 18.66 3.64
N LEU B 98 -3.51 18.50 4.62
CA LEU B 98 -3.19 18.62 6.06
C LEU B 98 -3.47 17.27 6.70
N VAL B 99 -2.45 16.72 7.35
CA VAL B 99 -2.48 15.37 7.86
C VAL B 99 -2.40 15.40 9.40
N ILE B 100 -3.51 15.05 10.05
CA ILE B 100 -3.61 15.18 11.48
C ILE B 100 -3.67 13.81 12.10
N PRO B 101 -2.57 13.38 12.73
CA PRO B 101 -2.57 12.07 13.35
C PRO B 101 -3.52 12.09 14.55
N ILE B 102 -4.19 10.98 14.80
CA ILE B 102 -5.19 10.92 15.85
C ILE B 102 -4.79 9.88 16.89
N TYR B 103 -4.50 10.37 18.08
CA TYR B 103 -3.83 9.55 19.07
C TYR B 103 -4.21 9.97 20.48
N SER B 104 -4.09 9.02 21.40
CA SER B 104 -4.15 9.33 22.82
C SER B 104 -2.80 8.99 23.42
N LYS B 105 -2.60 9.36 24.69
CA LYS B 105 -1.39 8.95 25.41
C LYS B 105 -1.08 7.47 25.12
N ASN B 106 -2.09 6.63 25.34
CA ASN B 106 -1.99 5.17 25.19
C ASN B 106 -1.47 4.71 23.82
N LYS B 107 -2.20 5.07 22.75
CA LYS B 107 -1.90 4.53 21.42
C LYS B 107 -2.28 5.44 20.26
N ARG B 108 -1.73 5.14 19.08
CA ARG B 108 -2.06 5.82 17.84
C ARG B 108 -3.36 5.20 17.30
N VAL B 109 -4.27 6.02 16.80
CA VAL B 109 -5.63 5.56 16.48
C VAL B 109 -5.99 5.65 15.00
N GLY B 110 -5.53 6.72 14.37
CA GLY B 110 -5.67 6.87 12.93
C GLY B 110 -5.23 8.23 12.46
N VAL B 111 -5.72 8.63 11.29
CA VAL B 111 -5.27 9.84 10.61
C VAL B 111 -6.46 10.55 10.00
N LEU B 112 -6.45 11.86 10.11
CA LEU B 112 -7.47 12.68 9.49
C LEU B 112 -6.75 13.45 8.42
N SER B 113 -7.25 13.39 7.20
CA SER B 113 -6.55 13.95 6.08
C SER B 113 -7.45 14.94 5.40
N ILE B 114 -7.02 16.19 5.29
CA ILE B 114 -7.90 17.27 4.87
C ILE B 114 -7.29 18.05 3.70
N GLY B 115 -8.05 18.14 2.61
CA GLY B 115 -7.56 18.69 1.36
C GLY B 115 -8.32 19.91 0.86
N ARG B 116 -7.57 20.83 0.27
CA ARG B 116 -8.10 22.05 -0.30
C ARG B 116 -7.69 22.18 -1.77
N LYS B 117 -8.62 22.62 -2.60
CA LYS B 117 -8.32 22.94 -4.00
C LYS B 117 -7.50 24.25 -4.16
N GLN B 118 -7.65 25.18 -3.21
CA GLN B 118 -6.94 26.46 -3.22
C GLN B 118 -5.69 26.41 -2.34
N GLN B 119 -4.66 27.15 -2.72
CA GLN B 119 -3.40 27.13 -1.97
C GLN B 119 -3.33 28.21 -0.89
N ILE B 120 -4.41 28.33 -0.11
CA ILE B 120 -4.41 29.14 1.10
C ILE B 120 -3.93 28.24 2.23
N ASP B 121 -2.93 28.69 2.97
CA ASP B 121 -2.44 27.91 4.10
C ASP B 121 -3.51 27.83 5.18
N TRP B 122 -3.36 26.84 6.05
CA TRP B 122 -4.26 26.70 7.17
C TRP B 122 -3.98 27.79 8.20
N SER B 123 -5.02 28.57 8.53
CA SER B 123 -4.90 29.68 9.47
C SER B 123 -4.89 29.19 10.91
N LEU B 124 -4.48 30.06 11.83
CA LEU B 124 -4.44 29.71 13.25
C LEU B 124 -5.86 29.47 13.77
N ASP B 125 -6.81 30.27 13.29
CA ASP B 125 -8.23 30.10 13.61
C ASP B 125 -8.77 28.73 13.21
N ASP B 126 -8.39 28.25 12.02
CA ASP B 126 -8.85 26.95 11.49
C ASP B 126 -8.22 25.83 12.28
N LEU B 127 -6.92 25.94 12.55
CA LEU B 127 -6.25 25.00 13.43
C LEU B 127 -6.80 25.07 14.85
N ALA B 128 -7.27 26.24 15.28
CA ALA B 128 -7.91 26.38 16.59
C ALA B 128 -9.22 25.60 16.62
N PHE B 129 -10.13 25.92 15.69
CA PHE B 129 -11.40 25.20 15.55
C PHE B 129 -11.16 23.70 15.40
N LEU B 130 -10.23 23.38 14.53
CA LEU B 130 -9.92 22.00 14.20
C LEU B 130 -9.44 21.24 15.42
N GLU B 131 -8.66 21.91 16.26
CA GLU B 131 -8.22 21.34 17.52
C GLU B 131 -9.38 21.16 18.50
N GLN B 132 -10.31 22.13 18.51
CA GLN B 132 -11.50 22.03 19.36
C GLN B 132 -12.30 20.82 18.96
N LEU B 133 -12.38 20.58 17.66
CA LEU B 133 -13.18 19.51 17.09
C LEU B 133 -12.61 18.12 17.24
N THR B 134 -11.29 18.00 17.24
CA THR B 134 -10.69 16.69 17.06
C THR B 134 -10.01 16.13 18.29
N ASP B 135 -9.84 16.94 19.34
CA ASP B 135 -9.15 16.47 20.55
C ASP B 135 -9.88 15.29 21.20
N HIS B 136 -11.20 15.27 21.05
CA HIS B 136 -12.02 14.22 21.63
C HIS B 136 -11.93 12.88 20.86
N LEU B 137 -11.66 12.95 19.54
CA LEU B 137 -11.79 11.81 18.63
C LEU B 137 -11.02 10.55 19.02
N ALA B 138 -9.77 10.69 19.42
CA ALA B 138 -8.94 9.53 19.77
C ALA B 138 -9.57 8.64 20.85
N VAL B 139 -10.10 9.27 21.90
CA VAL B 139 -10.76 8.52 22.99
C VAL B 139 -12.10 7.94 22.52
N SER B 140 -12.90 8.77 21.82
CA SER B 140 -14.18 8.32 21.30
C SER B 140 -14.00 7.06 20.47
N ILE B 141 -12.96 7.06 19.64
CA ILE B 141 -12.75 5.97 18.69
C ILE B 141 -12.24 4.73 19.42
N GLU B 142 -11.25 4.93 20.30
CA GLU B 142 -10.79 3.87 21.21
C GLU B 142 -11.93 3.18 21.91
N ASN B 143 -12.90 3.97 22.36
CA ASN B 143 -14.06 3.43 23.08
C ASN B 143 -14.92 2.52 22.19
N VAL B 144 -15.09 2.90 20.92
CA VAL B 144 -15.95 2.15 19.99
C VAL B 144 -15.45 0.70 19.80
N GLU B 145 -14.16 0.55 19.49
CA GLU B 145 -13.56 -0.78 19.33
C GLU B 145 -13.54 -1.55 20.64
N LEU B 146 -13.57 -0.80 21.75
CA LEU B 146 -13.65 -1.39 23.10
C LEU B 146 -15.08 -1.84 23.40
N TYR B 147 -16.05 -1.10 22.84
CA TYR B 147 -17.48 -1.41 23.02
C TYR B 147 -17.87 -2.66 22.24
N GLY B 148 -17.32 -2.81 21.03
CA GLY B 148 -17.55 -3.99 20.20
C GLY B 148 -16.87 -5.24 20.73
N GLN B 149 -17.09 -5.53 22.02
CA GLN B 149 -16.52 -6.69 22.70
C GLN B 149 -17.50 -7.28 23.70
#